data_6R0N
#
_entry.id   6R0N
#
_cell.length_a   37.194
_cell.length_b   57.416
_cell.length_c   97.827
_cell.angle_alpha   90.000
_cell.angle_beta   99.364
_cell.angle_gamma   90.000
#
_symmetry.space_group_name_H-M   'I 1 2 1'
#
loop_
_entity.id
_entity.type
_entity.pdbx_description
1 polymer NF-YB2
2 polymer NF-YC3
3 non-polymer GLYCEROL
4 water water
#
loop_
_entity_poly.entity_id
_entity_poly.type
_entity_poly.pdbx_seq_one_letter_code
_entity_poly.pdbx_strand_id
1 'polypeptide(L)'
;GSHMSPREQDRFLPIANVSRIMKKALPANAKISKDAKETMQECVSEFISFVTGEASDKCQKEKRKTINGDDLLWAMTTLG
FEDYVEPLKVYLQRFRE
;
A
2 'polypeptide(L)'
;MTQFKEIEKTTDFKNHSLPLARIKKIMKADEDVRMISAEAPVVFARACEMFILELTLRSWNHTEENKRRTLQKNDIAAAV
TRTDIFDFLVDIVPR
;
B
#
# COMPACT_ATOMS: atom_id res chain seq x y z
N ARG A 7 -10.46 6.27 -15.53
CA ARG A 7 -9.43 5.83 -16.47
C ARG A 7 -9.38 4.30 -16.55
N GLU A 8 -8.18 3.71 -16.52
CA GLU A 8 -8.06 2.27 -16.54
C GLU A 8 -7.87 1.79 -15.11
N GLN A 9 -8.79 0.95 -14.63
CA GLN A 9 -8.67 0.34 -13.33
C GLN A 9 -8.00 -1.03 -13.40
N ASP A 10 -7.41 -1.35 -14.56
CA ASP A 10 -6.71 -2.62 -14.72
C ASP A 10 -5.47 -2.68 -13.86
N ARG A 11 -4.82 -1.53 -13.70
CA ARG A 11 -3.52 -1.47 -13.05
C ARG A 11 -3.62 -1.02 -11.61
N PHE A 12 -4.82 -0.97 -11.08
CA PHE A 12 -5.02 -0.58 -9.69
C PHE A 12 -5.68 -1.73 -8.97
N LEU A 13 -5.47 -1.79 -7.66
CA LEU A 13 -6.27 -2.70 -6.87
C LEU A 13 -7.75 -2.28 -6.94
N PRO A 14 -8.67 -3.25 -6.86
CA PRO A 14 -10.10 -2.93 -7.00
C PRO A 14 -10.62 -2.00 -5.91
N ILE A 15 -11.40 -1.01 -6.36
CA ILE A 15 -11.97 0.03 -5.51
C ILE A 15 -12.82 -0.56 -4.37
N ALA A 16 -13.57 -1.62 -4.66
CA ALA A 16 -14.43 -2.22 -3.64
C ALA A 16 -13.63 -2.84 -2.50
N ASN A 17 -12.46 -3.40 -2.81
CA ASN A 17 -11.61 -3.86 -1.71
C ASN A 17 -10.97 -2.69 -0.96
N VAL A 18 -10.43 -1.70 -1.68
CA VAL A 18 -9.80 -0.56 -1.00
C VAL A 18 -10.82 0.16 -0.13
N SER A 19 -11.97 0.50 -0.70
CA SER A 19 -12.97 1.21 0.10
C SER A 19 -13.34 0.45 1.36
N ARG A 20 -13.52 -0.86 1.25
CA ARG A 20 -14.01 -1.56 2.41
C ARG A 20 -12.92 -1.56 3.45
N ILE A 21 -11.65 -1.50 3.02
CA ILE A 21 -10.57 -1.44 3.97
C ILE A 21 -10.58 -0.06 4.63
N MET A 22 -10.81 1.03 3.87
CA MET A 22 -10.82 2.38 4.47
C MET A 22 -11.86 2.52 5.61
N LYS A 23 -13.06 1.99 5.38
CA LYS A 23 -14.15 2.15 6.33
C LYS A 23 -13.84 1.50 7.66
N LYS A 24 -13.13 0.36 7.68
CA LYS A 24 -12.94 -0.30 8.96
C LYS A 24 -12.05 0.53 9.84
N ALA A 25 -11.14 1.29 9.23
CA ALA A 25 -10.37 2.24 10.01
C ALA A 25 -11.21 3.37 10.55
N LEU A 26 -12.40 3.59 9.99
CA LEU A 26 -13.08 4.86 10.29
C LEU A 26 -14.29 4.69 11.18
N PRO A 27 -14.71 5.74 11.89
CA PRO A 27 -15.96 5.64 12.64
C PRO A 27 -17.10 5.28 11.70
N ALA A 28 -18.13 4.70 12.30
CA ALA A 28 -19.29 4.24 11.55
C ALA A 28 -20.02 5.40 10.90
N ASN A 29 -19.96 6.58 11.49
CA ASN A 29 -20.61 7.70 10.83
C ASN A 29 -19.78 8.28 9.69
N ALA A 30 -18.52 7.85 9.52
CA ALA A 30 -17.68 8.47 8.50
C ALA A 30 -18.26 8.27 7.10
N LYS A 31 -18.05 9.26 6.26
CA LYS A 31 -18.29 9.19 4.84
C LYS A 31 -16.94 9.31 4.19
N ILE A 32 -16.84 8.85 2.95
CA ILE A 32 -15.60 8.96 2.19
C ILE A 32 -15.97 9.36 0.78
N SER A 33 -15.36 10.42 0.30
CA SER A 33 -15.69 10.90 -1.04
C SER A 33 -15.36 9.80 -2.06
N LYS A 34 -16.08 9.78 -3.17
CA LYS A 34 -15.64 8.91 -4.26
C LYS A 34 -14.26 9.30 -4.72
N ASP A 35 -13.94 10.57 -4.61
CA ASP A 35 -12.61 11.05 -4.96
C ASP A 35 -11.52 10.44 -4.08
N ALA A 36 -11.77 10.40 -2.76
CA ALA A 36 -10.78 9.85 -1.84
C ALA A 36 -10.58 8.36 -2.07
N LYS A 37 -11.67 7.60 -2.21
CA LYS A 37 -11.58 6.19 -2.59
C LYS A 37 -10.64 6.01 -3.78
N GLU A 38 -10.87 6.80 -4.83
CA GLU A 38 -10.04 6.71 -6.03
C GLU A 38 -8.60 7.09 -5.72
N THR A 39 -8.42 8.17 -4.94
CA THR A 39 -7.07 8.57 -4.58
C THR A 39 -6.38 7.50 -3.76
N MET A 40 -7.06 6.94 -2.77
CA MET A 40 -6.41 5.92 -1.98
C MET A 40 -6.05 4.73 -2.85
N GLN A 41 -6.87 4.46 -3.87
CA GLN A 41 -6.55 3.40 -4.82
C GLN A 41 -5.18 3.63 -5.45
N GLU A 42 -4.90 4.87 -5.83
CA GLU A 42 -3.62 5.14 -6.47
C GLU A 42 -2.48 5.14 -5.46
N CYS A 43 -2.69 5.66 -4.25
CA CYS A 43 -1.63 5.66 -3.26
C CYS A 43 -1.18 4.23 -2.94
N VAL A 44 -2.15 3.32 -2.71
CA VAL A 44 -1.79 1.96 -2.33
C VAL A 44 -1.08 1.27 -3.51
N SER A 45 -1.51 1.53 -4.74
CA SER A 45 -0.84 0.93 -5.89
C SER A 45 0.58 1.45 -6.01
N GLU A 46 0.80 2.73 -5.65
CA GLU A 46 2.15 3.26 -5.67
C GLU A 46 3.00 2.65 -4.56
N PHE A 47 2.38 2.34 -3.42
CA PHE A 47 3.11 1.64 -2.37
C PHE A 47 3.69 0.34 -2.90
N ILE A 48 2.91 -0.42 -3.67
CA ILE A 48 3.43 -1.68 -4.19
C ILE A 48 4.64 -1.43 -5.08
N SER A 49 4.50 -0.50 -6.01
CA SER A 49 5.59 -0.21 -6.95
C SER A 49 6.83 0.27 -6.23
N PHE A 50 6.65 1.18 -5.26
CA PHE A 50 7.75 1.74 -4.48
C PHE A 50 8.53 0.64 -3.77
N VAL A 51 7.81 -0.20 -3.03
CA VAL A 51 8.44 -1.30 -2.33
C VAL A 51 9.05 -2.29 -3.32
N THR A 52 8.34 -2.57 -4.43
CA THR A 52 8.86 -3.53 -5.40
C THR A 52 10.13 -3.03 -6.07
N GLY A 53 10.16 -1.76 -6.45
CA GLY A 53 11.38 -1.18 -7.02
C GLY A 53 12.60 -1.46 -6.15
N GLU A 54 12.51 -1.16 -4.85
CA GLU A 54 13.65 -1.35 -3.95
C GLU A 54 14.06 -2.82 -3.88
N ALA A 55 13.10 -3.72 -3.66
CA ALA A 55 13.41 -5.15 -3.64
C ALA A 55 14.00 -5.61 -4.95
N SER A 56 13.47 -5.13 -6.07
CA SER A 56 14.03 -5.51 -7.36
C SER A 56 15.45 -5.00 -7.50
N ASP A 57 15.71 -3.80 -7.01
CA ASP A 57 17.08 -3.30 -7.08
C ASP A 57 18.03 -4.21 -6.29
N LYS A 58 17.62 -4.65 -5.10
CA LYS A 58 18.50 -5.50 -4.31
C LYS A 58 18.70 -6.85 -4.97
N CYS A 59 17.63 -7.44 -5.51
CA CYS A 59 17.82 -8.68 -6.29
C CYS A 59 18.82 -8.46 -7.42
N GLN A 60 18.72 -7.30 -8.07
CA GLN A 60 19.62 -6.98 -9.19
C GLN A 60 21.07 -6.86 -8.71
N LYS A 61 21.30 -6.26 -7.55
CA LYS A 61 22.65 -6.17 -7.04
C LYS A 61 23.20 -7.54 -6.69
N GLU A 62 22.34 -8.46 -6.29
CA GLU A 62 22.76 -9.76 -5.85
C GLU A 62 22.67 -10.81 -6.97
N LYS A 63 22.46 -10.36 -8.21
CA LYS A 63 22.30 -11.24 -9.37
C LYS A 63 21.33 -12.38 -9.09
N ARG A 64 20.23 -12.05 -8.41
CA ARG A 64 19.16 -13.01 -8.15
C ARG A 64 17.97 -12.64 -9.02
N LYS A 65 17.18 -13.64 -9.43
CA LYS A 65 16.12 -13.35 -10.37
C LYS A 65 14.74 -13.43 -9.76
N THR A 66 14.61 -13.76 -8.47
CA THR A 66 13.30 -13.91 -7.85
C THR A 66 13.14 -12.96 -6.65
N ILE A 67 12.07 -12.18 -6.66
CA ILE A 67 11.68 -11.44 -5.47
C ILE A 67 10.96 -12.40 -4.51
N ASN A 68 11.60 -12.70 -3.39
CA ASN A 68 11.05 -13.52 -2.34
C ASN A 68 10.32 -12.65 -1.35
N GLY A 69 9.64 -13.30 -0.39
CA GLY A 69 9.00 -12.57 0.68
C GLY A 69 9.98 -11.74 1.50
N ASP A 70 11.17 -12.30 1.78
CA ASP A 70 12.14 -11.58 2.61
C ASP A 70 12.55 -10.29 1.95
N ASP A 71 12.61 -10.31 0.62
CA ASP A 71 13.10 -9.14 -0.08
C ASP A 71 12.13 -7.97 0.12
N LEU A 72 10.82 -8.25 0.10
CA LEU A 72 9.80 -7.22 0.36
C LEU A 72 9.96 -6.65 1.77
N LEU A 73 10.13 -7.53 2.77
CA LEU A 73 10.32 -7.08 4.14
C LEU A 73 11.59 -6.25 4.28
N TRP A 74 12.67 -6.74 3.70
CA TRP A 74 13.91 -5.97 3.70
C TRP A 74 13.69 -4.62 3.05
N ALA A 75 12.96 -4.58 1.93
CA ALA A 75 12.73 -3.29 1.28
C ALA A 75 11.83 -2.41 2.15
N MET A 76 10.84 -3.00 2.81
CA MET A 76 10.00 -2.14 3.66
C MET A 76 10.83 -1.46 4.74
N THR A 77 11.80 -2.17 5.31
CA THR A 77 12.62 -1.59 6.36
C THR A 77 13.50 -0.49 5.81
N THR A 78 14.05 -0.71 4.60
CA THR A 78 14.94 0.24 3.96
C THR A 78 14.21 1.55 3.65
N LEU A 79 12.94 1.47 3.27
CA LEU A 79 12.17 2.66 2.94
C LEU A 79 11.38 3.20 4.11
N GLY A 80 11.63 2.70 5.32
CA GLY A 80 11.08 3.30 6.53
C GLY A 80 9.78 2.73 7.02
N PHE A 81 9.43 1.53 6.61
CA PHE A 81 8.17 0.94 7.04
C PHE A 81 8.41 -0.18 8.05
N GLU A 82 9.45 -0.04 8.87
CA GLU A 82 9.82 -1.11 9.77
C GLU A 82 8.71 -1.47 10.74
N ASP A 83 7.84 -0.49 11.07
CA ASP A 83 6.70 -0.77 11.95
C ASP A 83 5.80 -1.89 11.40
N TYR A 84 5.75 -2.04 10.06
CA TYR A 84 5.00 -3.13 9.42
C TYR A 84 5.71 -4.48 9.48
N VAL A 85 7.03 -4.49 9.67
CA VAL A 85 7.77 -5.70 9.29
C VAL A 85 7.59 -6.81 10.30
N GLU A 86 7.65 -6.51 11.58
CA GLU A 86 7.37 -7.57 12.55
C GLU A 86 5.96 -8.12 12.41
N PRO A 87 4.89 -7.31 12.35
CA PRO A 87 3.55 -7.89 12.12
C PRO A 87 3.48 -8.76 10.86
N LEU A 88 4.13 -8.32 9.81
CA LEU A 88 4.15 -9.07 8.56
C LEU A 88 4.88 -10.42 8.73
N LYS A 89 5.99 -10.47 9.46
CA LYS A 89 6.65 -11.76 9.68
C LYS A 89 5.70 -12.75 10.34
N VAL A 90 5.01 -12.31 11.38
CA VAL A 90 4.05 -13.15 12.09
C VAL A 90 2.97 -13.63 11.15
N TYR A 91 2.48 -12.73 10.30
CA TYR A 91 1.48 -13.13 9.32
C TYR A 91 2.06 -14.18 8.39
N LEU A 92 3.32 -13.99 7.99
CA LEU A 92 3.90 -14.87 7.00
C LEU A 92 4.10 -16.26 7.57
N GLN A 93 4.46 -16.36 8.85
CA GLN A 93 4.52 -17.65 9.50
C GLN A 93 3.15 -18.31 9.54
N ARG A 94 2.09 -17.57 9.91
CA ARG A 94 0.78 -18.23 9.92
C ARG A 94 0.42 -18.75 8.53
N PHE A 95 0.86 -18.05 7.50
CA PHE A 95 0.68 -18.51 6.13
C PHE A 95 1.50 -19.78 5.83
N ARG A 96 2.76 -19.88 6.31
CA ARG A 96 3.62 -21.05 5.98
C ARG A 96 3.33 -22.29 6.82
N GLU A 97 2.58 -22.14 7.91
CA GLU A 97 2.36 -23.27 8.80
C GLU A 97 0.98 -23.87 8.54
N HIS B 16 -7.76 -13.67 1.06
CA HIS B 16 -7.09 -12.37 1.11
C HIS B 16 -8.07 -11.20 0.89
N SER B 17 -7.78 -10.10 1.57
CA SER B 17 -8.54 -8.87 1.37
C SER B 17 -8.44 -8.39 -0.07
N LEU B 18 -7.23 -8.35 -0.62
CA LEU B 18 -6.97 -7.84 -1.96
C LEU B 18 -6.50 -8.96 -2.89
N PRO B 19 -6.80 -8.88 -4.19
CA PRO B 19 -6.49 -10.00 -5.10
C PRO B 19 -5.00 -10.10 -5.45
N LEU B 20 -4.45 -11.30 -5.22
CA LEU B 20 -3.03 -11.54 -5.45
C LEU B 20 -2.67 -11.37 -6.91
N ALA B 21 -3.60 -11.68 -7.79
CA ALA B 21 -3.30 -11.56 -9.22
C ALA B 21 -3.10 -10.10 -9.61
N ARG B 22 -3.91 -9.21 -9.05
CA ARG B 22 -3.72 -7.79 -9.34
C ARG B 22 -2.40 -7.28 -8.75
N ILE B 23 -2.10 -7.71 -7.51
CA ILE B 23 -0.82 -7.37 -6.88
C ILE B 23 0.34 -7.79 -7.76
N LYS B 24 0.32 -9.05 -8.21
CA LYS B 24 1.34 -9.51 -9.15
CA LYS B 24 1.34 -9.51 -9.15
C LYS B 24 1.37 -8.63 -10.37
N LYS B 25 0.19 -8.26 -10.83
CA LYS B 25 0.12 -7.47 -12.03
C LYS B 25 0.88 -6.19 -11.80
N ILE B 26 0.58 -5.51 -10.71
CA ILE B 26 1.30 -4.28 -10.36
C ILE B 26 2.79 -4.52 -10.23
N MET B 27 3.18 -5.57 -9.52
CA MET B 27 4.62 -5.79 -9.37
C MET B 27 5.28 -5.92 -10.73
N LYS B 28 4.59 -6.56 -11.67
CA LYS B 28 5.19 -6.91 -12.96
C LYS B 28 5.30 -5.73 -13.92
N ALA B 29 4.60 -4.62 -13.68
CA ALA B 29 4.77 -3.43 -14.52
C ALA B 29 6.18 -2.90 -14.47
N ASP B 30 6.87 -3.19 -13.38
CA ASP B 30 8.26 -2.81 -13.25
C ASP B 30 9.10 -3.67 -14.18
N GLU B 31 9.73 -3.04 -15.20
CA GLU B 31 10.50 -3.76 -16.22
C GLU B 31 11.58 -4.69 -15.65
N ASP B 32 12.15 -4.36 -14.48
CA ASP B 32 13.24 -5.15 -13.91
C ASP B 32 12.76 -6.38 -13.15
N VAL B 33 11.45 -6.51 -12.92
CA VAL B 33 11.00 -7.64 -12.13
C VAL B 33 11.03 -8.87 -13.03
N ARG B 34 11.42 -9.99 -12.46
CA ARG B 34 11.56 -11.21 -13.24
C ARG B 34 10.51 -12.21 -12.67
N MET B 35 10.95 -13.22 -11.93
CA MET B 35 10.04 -14.11 -11.24
C MET B 35 9.72 -13.55 -9.86
N ILE B 36 8.57 -13.95 -9.36
CA ILE B 36 8.06 -13.47 -8.09
C ILE B 36 7.68 -14.68 -7.26
N SER B 37 8.27 -14.80 -6.07
CA SER B 37 7.90 -15.90 -5.19
C SER B 37 6.43 -15.75 -4.85
N ALA B 38 5.73 -16.87 -4.70
CA ALA B 38 4.32 -16.83 -4.42
C ALA B 38 4.00 -16.22 -3.05
N GLU B 39 4.98 -16.13 -2.15
CA GLU B 39 4.78 -15.47 -0.87
C GLU B 39 4.72 -13.95 -1.02
N ALA B 40 5.24 -13.43 -2.13
CA ALA B 40 5.44 -11.98 -2.21
C ALA B 40 4.11 -11.26 -2.38
N PRO B 41 3.23 -11.65 -3.30
CA PRO B 41 1.88 -11.08 -3.30
C PRO B 41 1.17 -11.24 -1.97
N VAL B 42 1.39 -12.36 -1.27
CA VAL B 42 0.74 -12.61 0.03
C VAL B 42 1.22 -11.59 1.07
N VAL B 43 2.53 -11.39 1.15
CA VAL B 43 3.06 -10.33 2.02
C VAL B 43 2.42 -8.98 1.66
N PHE B 44 2.35 -8.65 0.35
CA PHE B 44 1.78 -7.38 -0.07
C PHE B 44 0.32 -7.26 0.30
N ALA B 45 -0.48 -8.32 0.14
CA ALA B 45 -1.90 -8.16 0.47
C ALA B 45 -2.05 -7.62 1.88
N ARG B 46 -1.36 -8.26 2.84
CA ARG B 46 -1.41 -7.82 4.23
CA ARG B 46 -1.39 -7.82 4.24
C ARG B 46 -0.77 -6.44 4.39
N ALA B 47 0.40 -6.23 3.79
CA ALA B 47 1.09 -4.95 3.92
C ALA B 47 0.27 -3.79 3.35
N CYS B 48 -0.35 -3.99 2.20
CA CYS B 48 -1.24 -3.00 1.63
C CYS B 48 -2.39 -2.65 2.58
N GLU B 49 -2.97 -3.64 3.23
CA GLU B 49 -4.02 -3.38 4.22
C GLU B 49 -3.53 -2.38 5.25
N MET B 50 -2.37 -2.68 5.85
CA MET B 50 -1.77 -1.87 6.90
C MET B 50 -1.49 -0.48 6.39
N PHE B 51 -1.02 -0.37 5.14
CA PHE B 51 -0.82 0.95 4.56
C PHE B 51 -2.15 1.69 4.46
N ILE B 52 -3.18 1.04 3.92
CA ILE B 52 -4.46 1.71 3.73
C ILE B 52 -5.03 2.11 5.06
N LEU B 53 -5.01 1.22 6.04
CA LEU B 53 -5.43 1.61 7.38
C LEU B 53 -4.66 2.82 7.88
N GLU B 54 -3.34 2.80 7.78
CA GLU B 54 -2.61 3.88 8.43
C GLU B 54 -2.78 5.18 7.67
N LEU B 55 -2.80 5.12 6.34
CA LEU B 55 -3.02 6.39 5.63
C LEU B 55 -4.46 6.89 5.80
N THR B 56 -5.47 6.01 5.88
CA THR B 56 -6.80 6.57 6.03
C THR B 56 -6.95 7.20 7.40
N LEU B 57 -6.35 6.59 8.43
CA LEU B 57 -6.45 7.12 9.78
C LEU B 57 -5.78 8.48 9.88
N ARG B 58 -4.58 8.62 9.33
CA ARG B 58 -3.97 9.96 9.34
C ARG B 58 -4.77 10.94 8.51
N SER B 59 -5.35 10.51 7.39
CA SER B 59 -6.20 11.41 6.62
C SER B 59 -7.40 11.87 7.44
N TRP B 60 -7.97 10.95 8.22
CA TRP B 60 -9.14 11.25 9.03
C TRP B 60 -8.83 12.24 10.14
N ASN B 61 -7.62 12.21 10.70
CA ASN B 61 -7.25 13.25 11.65
C ASN B 61 -7.46 14.64 11.06
N HIS B 62 -7.06 14.82 9.80
CA HIS B 62 -7.32 16.10 9.15
C HIS B 62 -8.82 16.33 8.96
N THR B 63 -9.58 15.29 8.64
CA THR B 63 -11.03 15.47 8.43
C THR B 63 -11.71 15.92 9.72
N GLU B 64 -11.33 15.30 10.85
CA GLU B 64 -11.88 15.75 12.13
C GLU B 64 -11.36 17.13 12.51
N GLU B 65 -10.12 17.44 12.14
CA GLU B 65 -9.56 18.76 12.42
C GLU B 65 -10.39 19.87 11.78
N ASN B 66 -10.84 19.66 10.54
CA ASN B 66 -11.74 20.57 9.88
C ASN B 66 -13.19 20.33 10.34
N LYS B 67 -13.41 19.54 11.40
CA LYS B 67 -14.74 19.12 11.82
C LYS B 67 -15.68 18.94 10.64
N ARG B 68 -15.23 18.07 9.73
CA ARG B 68 -16.03 17.50 8.67
C ARG B 68 -16.23 16.02 8.94
N ARG B 69 -17.27 15.46 8.32
CA ARG B 69 -17.53 14.05 8.49
C ARG B 69 -17.16 13.22 7.27
N THR B 70 -16.82 13.83 6.14
CA THR B 70 -16.40 13.09 4.95
C THR B 70 -14.88 13.12 4.79
N LEU B 71 -14.27 11.95 4.69
CA LEU B 71 -12.88 11.88 4.22
C LEU B 71 -12.83 12.25 2.75
N GLN B 72 -12.10 13.33 2.43
CA GLN B 72 -11.98 13.85 1.07
C GLN B 72 -10.52 13.81 0.63
N LYS B 73 -10.31 14.01 -0.67
CA LYS B 73 -8.96 13.85 -1.24
C LYS B 73 -8.00 14.80 -0.56
N ASN B 74 -8.47 16.00 -0.22
CA ASN B 74 -7.60 17.01 0.38
C ASN B 74 -7.09 16.55 1.74
N ASP B 75 -7.86 15.69 2.43
CA ASP B 75 -7.38 15.13 3.69
C ASP B 75 -6.22 14.19 3.44
N ILE B 76 -6.32 13.37 2.39
CA ILE B 76 -5.22 12.46 2.07
C ILE B 76 -3.98 13.27 1.70
N ALA B 77 -4.14 14.28 0.82
CA ALA B 77 -3.04 15.19 0.49
C ALA B 77 -2.39 15.73 1.75
N ALA B 78 -3.21 16.07 2.73
CA ALA B 78 -2.70 16.68 3.95
C ALA B 78 -1.87 15.66 4.73
N ALA B 79 -2.43 14.47 4.96
CA ALA B 79 -1.72 13.39 5.67
C ALA B 79 -0.36 13.11 5.06
N VAL B 80 -0.25 13.22 3.74
CA VAL B 80 0.99 12.84 3.07
C VAL B 80 2.12 13.79 3.49
N THR B 81 1.86 15.10 3.47
CA THR B 81 2.92 16.05 3.80
C THR B 81 3.38 15.92 5.25
N ARG B 82 2.51 15.47 6.14
CA ARG B 82 2.78 15.53 7.57
C ARG B 82 3.63 14.38 8.08
N THR B 83 3.87 13.35 7.29
CA THR B 83 4.69 12.24 7.73
C THR B 83 5.77 11.96 6.69
N ASP B 84 6.95 11.60 7.18
CA ASP B 84 8.10 11.50 6.29
C ASP B 84 7.99 10.28 5.37
N ILE B 85 7.65 9.12 5.92
CA ILE B 85 7.63 7.88 5.15
C ILE B 85 6.72 7.95 3.91
N PHE B 86 5.98 9.05 3.75
CA PHE B 86 5.05 9.19 2.63
C PHE B 86 5.52 10.15 1.54
N ASP B 87 6.75 10.70 1.63
CA ASP B 87 7.28 11.55 0.54
C ASP B 87 6.98 10.99 -0.84
N PHE B 88 7.06 9.66 -0.99
CA PHE B 88 6.91 9.09 -2.32
C PHE B 88 5.53 9.35 -2.87
N LEU B 89 4.61 9.86 -2.05
CA LEU B 89 3.25 10.11 -2.47
C LEU B 89 2.95 11.58 -2.73
N VAL B 90 3.93 12.49 -2.65
CA VAL B 90 3.60 13.91 -2.73
C VAL B 90 3.20 14.31 -4.15
N ASP B 91 3.77 13.67 -5.17
CA ASP B 91 3.37 13.92 -6.54
C ASP B 91 2.04 13.27 -6.89
N ILE B 92 1.71 12.14 -6.27
CA ILE B 92 0.44 11.48 -6.57
C ILE B 92 -0.73 12.31 -6.07
N VAL B 93 -0.55 13.04 -4.97
CA VAL B 93 -1.61 13.83 -4.37
C VAL B 93 -1.01 15.15 -3.87
N PRO B 94 -0.92 16.15 -4.74
CA PRO B 94 -0.35 17.43 -4.31
C PRO B 94 -1.39 18.28 -3.61
N ARG B 95 -1.08 19.54 -3.33
CA ARG B 95 -1.90 20.47 -2.54
C ARG B 95 -1.56 20.32 -1.07
#